data_7S3M
#
_entry.id   7S3M
#
_cell.length_a   123.158
_cell.length_b   123.158
_cell.length_c   97.183
_cell.angle_alpha   90.000
_cell.angle_beta   90.000
_cell.angle_gamma   120.000
#
_symmetry.space_group_name_H-M   'P 31 2 1'
#
loop_
_entity.id
_entity.type
_entity.pdbx_description
1 polymer 'Spike glycoprotein'
2 polymer 'Fab22 Heavy Chain'
3 polymer 'Fab22 Light Chain'
4 water water
#
loop_
_entity_poly.entity_id
_entity_poly.type
_entity_poly.pdbx_seq_one_letter_code
_entity_poly.pdbx_strand_id
1 'polypeptide(L)' DFQDELDEFFKNVST A
2 'polypeptide(L)'
;EVQLQQPGPVLVKPGASVRMSCKASGYRITDNFMNWVKQSHGKSLEWIGIINPYNGGTKYNQKFKGKATLTVDTSSSTAY
MELNSLTSEDSAVYYCTRVRGNDYHGRAMDYWGQGTSVTVSSASTKGPSVFPLAPSSKSTSGGTAALGCLVKDYFPEPVT
VSWNSGALTSGVHTFPAVLQSSGLYSLSSVVTVPSSSLGTQTYICNVNHKPSNTKVDKKVEPK
;
H
3 'polypeptide(L)'
;DVVLTQTPLSLPVNIGDQASISCKSTKSLLNRDGFTFLDWYLQKPGQSPQLLIYLVSNRFSGVPDRFSGSGSGTDFTLKI
SRVEAEDLGVYYCFQSNYLFTFGSGTKLEIKRTVAAPSVFIFPPSDEQLKSGTASVVCLLNNFYPREAKVQWKVDNALQS
GNSQESVTEQDSKDSTYSLSSTLTLSKADYEKHKVYACEVTHQGLSSPVTKSFNRGEC
;
L
#
# COMPACT_ATOMS: atom_id res chain seq x y z
N ASP A 1 2.51 -35.37 -13.65
CA ASP A 1 2.29 -33.95 -13.93
C ASP A 1 3.15 -33.09 -13.00
N PHE A 2 2.86 -31.77 -12.97
CA PHE A 2 3.60 -30.89 -12.08
C PHE A 2 3.26 -31.14 -10.61
N GLN A 3 2.05 -31.66 -10.34
CA GLN A 3 1.65 -31.91 -8.96
C GLN A 3 2.52 -32.97 -8.30
N ASP A 4 2.88 -34.01 -9.04
CA ASP A 4 3.79 -35.01 -8.52
C ASP A 4 5.21 -34.46 -8.40
N GLU A 5 5.69 -33.77 -9.43
CA GLU A 5 7.04 -33.18 -9.37
C GLU A 5 7.19 -32.31 -8.14
N LEU A 6 6.14 -31.56 -7.78
CA LEU A 6 6.20 -30.74 -6.58
C LEU A 6 6.18 -31.62 -5.33
N ASP A 7 5.56 -32.78 -5.41
CA ASP A 7 5.49 -33.65 -4.25
C ASP A 7 6.87 -34.28 -3.97
N GLU A 8 7.60 -34.65 -5.02
CA GLU A 8 8.96 -35.17 -4.81
C GLU A 8 9.88 -34.09 -4.28
N PHE A 9 9.71 -32.87 -4.77
CA PHE A 9 10.53 -31.75 -4.32
C PHE A 9 10.39 -31.51 -2.82
N PHE A 10 9.16 -31.47 -2.32
CA PHE A 10 8.95 -31.19 -0.91
C PHE A 10 9.47 -32.31 -0.02
N LYS A 11 9.40 -33.56 -0.47
CA LYS A 11 9.86 -34.68 0.34
C LYS A 11 11.36 -34.95 0.20
N ASN A 12 12.04 -34.29 -0.74
CA ASN A 12 13.46 -34.49 -0.95
C ASN A 12 14.24 -34.07 0.30
N VAL A 13 15.05 -34.98 0.82
CA VAL A 13 15.83 -34.73 2.02
C VAL A 13 17.31 -35.00 1.80
N SER A 14 17.77 -34.97 0.56
CA SER A 14 19.21 -35.07 0.32
C SER A 14 19.82 -33.68 0.29
N GLU B 1 10.57 -14.65 18.33
CA GLU B 1 9.56 -14.65 17.29
C GLU B 1 10.21 -14.75 15.91
N VAL B 2 9.51 -15.40 14.98
CA VAL B 2 9.98 -15.51 13.61
C VAL B 2 9.88 -14.15 12.94
N GLN B 3 10.96 -13.71 12.29
CA GLN B 3 11.02 -12.48 11.54
C GLN B 3 11.82 -12.69 10.29
N LEU B 4 11.33 -12.13 9.18
CA LEU B 4 12.09 -12.03 7.94
C LEU B 4 12.41 -10.56 7.68
N GLN B 5 13.71 -10.24 7.62
CA GLN B 5 14.18 -8.86 7.44
C GLN B 5 14.67 -8.64 6.01
N GLN B 6 13.95 -7.80 5.26
CA GLN B 6 14.26 -7.36 3.90
C GLN B 6 14.73 -5.91 3.85
N PRO B 7 15.79 -5.64 3.10
CA PRO B 7 16.29 -4.25 2.95
C PRO B 7 15.24 -3.30 2.41
N GLY B 8 15.56 -2.02 2.52
CA GLY B 8 14.69 -0.96 2.10
C GLY B 8 14.61 -0.79 0.59
N PRO B 9 13.97 0.29 0.16
CA PRO B 9 13.70 0.49 -1.27
C PRO B 9 14.97 0.75 -2.06
N VAL B 10 15.05 0.16 -3.25
CA VAL B 10 16.25 0.19 -4.07
C VAL B 10 15.88 0.73 -5.46
N LEU B 11 16.79 1.54 -6.04
CA LEU B 11 16.67 2.06 -7.40
C LEU B 11 17.76 1.44 -8.27
N VAL B 12 17.35 0.86 -9.39
CA VAL B 12 18.28 0.17 -10.28
CA VAL B 12 18.28 0.17 -10.28
C VAL B 12 18.02 0.61 -11.72
N LYS B 13 19.10 0.64 -12.51
CA LYS B 13 19.01 1.06 -13.90
C LYS B 13 18.56 -0.11 -14.78
N PRO B 14 17.90 0.18 -15.90
CA PRO B 14 17.42 -0.90 -16.77
C PRO B 14 18.57 -1.71 -17.35
N GLY B 15 18.34 -3.02 -17.47
CA GLY B 15 19.32 -3.90 -18.09
C GLY B 15 20.33 -4.48 -17.13
N ALA B 16 20.57 -3.86 -15.98
CA ALA B 16 21.44 -4.42 -14.96
C ALA B 16 20.74 -5.56 -14.22
N SER B 17 21.34 -5.95 -13.10
CA SER B 17 20.86 -6.99 -12.21
C SER B 17 20.78 -6.41 -10.81
N VAL B 18 19.97 -7.05 -9.98
CA VAL B 18 19.80 -6.64 -8.59
C VAL B 18 19.63 -7.90 -7.74
N ARG B 19 20.35 -7.95 -6.62
CA ARG B 19 20.30 -9.06 -5.68
C ARG B 19 19.76 -8.53 -4.36
N MET B 20 18.54 -8.93 -4.02
CA MET B 20 17.92 -8.55 -2.74
C MET B 20 18.00 -9.69 -1.75
N SER B 21 18.13 -9.32 -0.48
CA SER B 21 18.38 -10.26 0.60
C SER B 21 17.15 -10.40 1.49
N CYS B 22 17.24 -11.33 2.43
CA CYS B 22 16.13 -11.61 3.35
C CYS B 22 16.69 -12.38 4.54
N LYS B 23 16.85 -11.70 5.69
CA LYS B 23 17.45 -12.33 6.86
C LYS B 23 16.38 -12.98 7.74
N ALA B 24 16.52 -14.29 7.92
CA ALA B 24 15.63 -15.07 8.76
C ALA B 24 16.13 -15.03 10.19
N SER B 25 15.20 -14.94 11.15
CA SER B 25 15.57 -14.95 12.57
C SER B 25 14.42 -15.54 13.40
N GLY B 26 14.74 -15.86 14.65
CA GLY B 26 13.81 -16.56 15.49
C GLY B 26 13.59 -18.01 15.13
N TYR B 27 14.19 -18.50 14.06
CA TYR B 27 14.11 -19.91 13.71
C TYR B 27 15.39 -20.29 12.97
N ARG B 28 15.55 -21.57 12.70
CA ARG B 28 16.72 -22.05 11.97
C ARG B 28 16.34 -22.11 10.49
N ILE B 29 17.09 -21.38 9.65
CA ILE B 29 16.66 -21.11 8.27
C ILE B 29 16.50 -22.38 7.47
N THR B 30 17.28 -23.43 7.80
CA THR B 30 17.25 -24.69 7.07
C THR B 30 16.02 -25.53 7.37
N ASP B 31 15.23 -25.19 8.39
CA ASP B 31 14.06 -25.99 8.73
C ASP B 31 12.86 -25.70 7.84
N ASN B 32 12.90 -24.66 7.01
CA ASN B 32 11.71 -24.23 6.28
C ASN B 32 12.09 -23.76 4.88
N PHE B 33 11.34 -24.25 3.90
CA PHE B 33 11.37 -23.72 2.54
C PHE B 33 10.98 -22.26 2.56
N MET B 34 11.38 -21.51 1.51
CA MET B 34 11.05 -20.10 1.40
C MET B 34 10.46 -19.81 0.03
N ASN B 35 9.41 -19.01 -0.02
CA ASN B 35 8.87 -18.54 -1.28
C ASN B 35 9.31 -17.10 -1.50
N TRP B 36 9.36 -16.70 -2.77
CA TRP B 36 9.44 -15.29 -3.12
C TRP B 36 8.21 -14.93 -3.92
N VAL B 37 7.61 -13.79 -3.59
CA VAL B 37 6.36 -13.35 -4.18
C VAL B 37 6.57 -11.96 -4.74
N LYS B 38 5.93 -11.67 -5.86
CA LYS B 38 6.07 -10.37 -6.51
C LYS B 38 4.73 -9.66 -6.51
N GLN B 39 4.73 -8.37 -6.17
CA GLN B 39 3.50 -7.59 -6.26
C GLN B 39 3.78 -6.28 -6.95
N SER B 40 3.30 -6.15 -8.19
CA SER B 40 3.39 -4.90 -8.93
C SER B 40 2.39 -3.90 -8.36
N HIS B 41 2.68 -2.62 -8.57
CA HIS B 41 1.91 -1.58 -7.88
C HIS B 41 0.44 -1.65 -8.29
N GLY B 42 -0.44 -1.87 -7.32
CA GLY B 42 -1.86 -1.95 -7.58
C GLY B 42 -2.29 -3.21 -8.27
N LYS B 43 -1.51 -4.27 -8.15
CA LYS B 43 -1.70 -5.51 -8.87
C LYS B 43 -1.74 -6.67 -7.88
N SER B 44 -2.08 -7.86 -8.38
CA SER B 44 -2.21 -9.01 -7.50
C SER B 44 -0.82 -9.51 -7.11
N LEU B 45 -0.80 -10.54 -6.29
CA LEU B 45 0.41 -11.24 -5.94
C LEU B 45 0.70 -12.32 -6.97
N GLU B 46 1.97 -12.70 -7.05
CA GLU B 46 2.47 -13.63 -8.07
C GLU B 46 3.61 -14.40 -7.46
N TRP B 47 3.57 -15.73 -7.58
CA TRP B 47 4.65 -16.54 -7.02
C TRP B 47 5.83 -16.60 -8.01
N ILE B 48 7.03 -16.36 -7.51
CA ILE B 48 8.23 -16.45 -8.32
C ILE B 48 8.85 -17.84 -8.20
N GLY B 49 9.28 -18.21 -6.99
CA GLY B 49 10.01 -19.45 -6.82
C GLY B 49 10.07 -19.88 -5.37
N ILE B 50 10.49 -21.12 -5.17
CA ILE B 50 10.61 -21.75 -3.87
C ILE B 50 12.01 -22.36 -3.75
N ILE B 51 12.65 -22.14 -2.61
CA ILE B 51 13.99 -22.62 -2.34
C ILE B 51 13.91 -23.50 -1.09
N ASN B 52 14.70 -24.58 -1.04
CA ASN B 52 14.86 -25.35 0.19
C ASN B 52 16.23 -25.05 0.77
N PRO B 53 16.31 -24.19 1.79
CA PRO B 53 17.63 -23.76 2.29
C PRO B 53 18.52 -24.90 2.74
N TYR B 54 17.96 -26.05 3.13
CA TYR B 54 18.81 -27.16 3.56
C TYR B 54 19.77 -27.58 2.45
N ASN B 55 19.24 -27.83 1.25
CA ASN B 55 20.04 -28.35 0.14
C ASN B 55 20.02 -27.45 -1.09
N GLY B 56 19.47 -26.25 -0.99
CA GLY B 56 19.53 -25.31 -2.09
C GLY B 56 18.70 -25.66 -3.29
N GLY B 57 17.87 -26.70 -3.20
CA GLY B 57 17.02 -27.05 -4.34
C GLY B 57 15.97 -25.98 -4.57
N THR B 58 15.75 -25.67 -5.83
CA THR B 58 14.83 -24.62 -6.22
C THR B 58 13.78 -25.14 -7.19
N LYS B 59 12.69 -24.39 -7.28
CA LYS B 59 11.60 -24.61 -8.21
C LYS B 59 11.06 -23.24 -8.57
N TYR B 60 10.78 -23.02 -9.84
CA TYR B 60 10.44 -21.69 -10.34
C TYR B 60 9.10 -21.70 -11.03
N ASN B 61 8.38 -20.59 -10.87
CA ASN B 61 7.33 -20.27 -11.81
C ASN B 61 7.95 -20.12 -13.19
N GLN B 62 7.31 -20.73 -14.20
CA GLN B 62 7.93 -20.74 -15.52
C GLN B 62 8.14 -19.33 -16.05
N LYS B 63 7.26 -18.39 -15.70
CA LYS B 63 7.38 -17.02 -16.17
C LYS B 63 8.62 -16.31 -15.62
N PHE B 64 9.29 -16.88 -14.62
CA PHE B 64 10.45 -16.27 -14.00
C PHE B 64 11.70 -17.11 -14.15
N LYS B 65 11.63 -18.25 -14.86
CA LYS B 65 12.83 -19.03 -15.09
C LYS B 65 13.69 -18.30 -16.12
N GLY B 66 14.92 -17.99 -15.74
CA GLY B 66 15.76 -17.11 -16.52
C GLY B 66 15.78 -15.68 -15.99
N LYS B 67 14.74 -15.28 -15.25
CA LYS B 67 14.71 -13.92 -14.70
C LYS B 67 15.14 -13.88 -13.25
N ALA B 68 14.72 -14.86 -12.45
CA ALA B 68 15.04 -14.91 -11.03
C ALA B 68 15.87 -16.14 -10.72
N THR B 69 16.72 -16.00 -9.72
CA THR B 69 17.65 -17.03 -9.27
C THR B 69 17.71 -16.97 -7.75
N LEU B 70 17.09 -17.93 -7.09
CA LEU B 70 17.06 -17.99 -5.64
C LEU B 70 18.28 -18.74 -5.13
N THR B 71 18.92 -18.19 -4.12
CA THR B 71 20.04 -18.84 -3.44
C THR B 71 19.86 -18.66 -1.94
N VAL B 72 20.76 -19.27 -1.19
CA VAL B 72 20.68 -19.15 0.25
C VAL B 72 22.09 -19.29 0.78
N ASP B 73 22.39 -18.48 1.79
CA ASP B 73 23.63 -18.56 2.57
C ASP B 73 23.22 -19.05 3.95
N THR B 74 23.41 -20.34 4.22
CA THR B 74 22.99 -20.91 5.50
C THR B 74 23.68 -20.23 6.67
N SER B 75 24.99 -20.01 6.53
CA SER B 75 25.86 -19.61 7.64
C SER B 75 25.42 -18.29 8.26
N SER B 76 24.72 -17.47 7.48
CA SER B 76 24.36 -16.12 7.86
C SER B 76 22.85 -15.96 7.86
N SER B 77 22.15 -17.08 7.72
CA SER B 77 20.71 -17.18 7.84
C SER B 77 20.04 -16.10 6.98
N THR B 78 20.43 -16.10 5.69
CA THR B 78 20.01 -15.12 4.69
C THR B 78 19.70 -15.82 3.38
N ALA B 79 18.56 -15.50 2.82
CA ALA B 79 18.18 -15.95 1.49
C ALA B 79 18.22 -14.76 0.53
N TYR B 80 18.52 -15.05 -0.74
CA TYR B 80 18.75 -14.03 -1.76
C TYR B 80 17.94 -14.34 -3.01
N MET B 81 17.38 -13.30 -3.63
CA MET B 81 16.84 -13.38 -4.99
C MET B 81 17.62 -12.44 -5.91
N GLU B 82 18.15 -12.98 -7.00
CA GLU B 82 18.79 -12.16 -8.01
C GLU B 82 17.86 -12.07 -9.21
N LEU B 83 17.64 -10.85 -9.70
CA LEU B 83 16.94 -10.62 -10.94
C LEU B 83 17.89 -10.08 -11.98
N ASN B 84 17.79 -10.57 -13.20
CA ASN B 84 18.70 -10.13 -14.25
C ASN B 84 17.90 -9.43 -15.35
N SER B 85 18.62 -8.68 -16.21
CA SER B 85 18.03 -8.03 -17.38
C SER B 85 16.83 -7.16 -17.03
N LEU B 86 16.99 -6.34 -16.00
CA LEU B 86 15.88 -5.55 -15.46
C LEU B 86 15.23 -4.66 -16.49
N THR B 87 13.91 -4.70 -16.56
CA THR B 87 13.10 -3.79 -17.34
C THR B 87 12.12 -3.07 -16.43
N SER B 88 11.33 -2.19 -17.03
CA SER B 88 10.33 -1.46 -16.26
C SER B 88 9.30 -2.40 -15.64
N GLU B 89 9.05 -3.55 -16.28
CA GLU B 89 8.10 -4.53 -15.76
C GLU B 89 8.56 -5.17 -14.45
N ASP B 90 9.85 -5.12 -14.16
CA ASP B 90 10.38 -5.63 -12.91
C ASP B 90 10.32 -4.61 -11.79
N SER B 91 9.68 -3.46 -12.00
CA SER B 91 9.43 -2.53 -10.90
C SER B 91 8.23 -3.03 -10.09
N ALA B 92 8.47 -3.39 -8.83
CA ALA B 92 7.44 -3.97 -7.97
C ALA B 92 7.96 -4.15 -6.57
N VAL B 93 7.12 -4.66 -5.68
CA VAL B 93 7.54 -5.07 -4.35
C VAL B 93 7.77 -6.58 -4.37
N TYR B 94 8.89 -7.02 -3.81
CA TYR B 94 9.26 -8.43 -3.76
C TYR B 94 9.31 -8.90 -2.30
N TYR B 95 8.55 -9.95 -2.01
CA TYR B 95 8.45 -10.50 -0.66
C TYR B 95 9.18 -11.83 -0.57
N CYS B 96 10.01 -12.03 0.46
CA CYS B 96 10.38 -13.38 0.87
C CYS B 96 9.44 -13.86 1.98
N THR B 97 9.12 -15.15 1.98
CA THR B 97 8.19 -15.71 2.96
C THR B 97 8.65 -17.11 3.32
N ARG B 98 8.24 -17.56 4.50
CA ARG B 98 8.59 -18.88 5.00
C ARG B 98 7.41 -19.81 4.80
N VAL B 99 7.69 -21.03 4.33
CA VAL B 99 6.68 -22.07 4.13
C VAL B 99 6.59 -22.93 5.39
N ARG B 100 5.35 -23.16 5.89
CA ARG B 100 5.15 -23.92 7.14
C ARG B 100 5.76 -25.30 7.06
N GLY B 101 5.45 -26.04 6.00
CA GLY B 101 6.02 -27.34 5.76
C GLY B 101 5.29 -28.02 4.62
N ASN B 102 4.93 -29.29 4.81
CA ASN B 102 4.29 -30.12 3.80
C ASN B 102 3.14 -30.89 4.44
N ASP B 103 2.36 -31.58 3.62
CA ASP B 103 1.33 -32.52 4.07
C ASP B 103 0.41 -31.83 5.09
N TYR B 104 0.17 -32.41 6.25
CA TYR B 104 -0.84 -31.83 7.13
C TYR B 104 -0.30 -30.63 7.88
N HIS B 105 0.96 -30.26 7.66
CA HIS B 105 1.47 -29.01 8.20
C HIS B 105 1.05 -27.82 7.37
N GLY B 106 0.60 -28.04 6.14
CA GLY B 106 0.35 -26.93 5.25
C GLY B 106 1.57 -26.51 4.47
N ARG B 107 1.38 -26.05 3.23
CA ARG B 107 2.42 -25.41 2.44
C ARG B 107 2.27 -23.89 2.44
N ALA B 108 1.63 -23.33 3.47
CA ALA B 108 1.29 -21.92 3.46
C ALA B 108 2.47 -21.06 3.88
N MET B 109 2.37 -19.77 3.57
CA MET B 109 3.40 -18.78 3.90
C MET B 109 2.95 -18.09 5.18
N ASP B 110 3.57 -18.49 6.28
CA ASP B 110 3.04 -18.12 7.59
C ASP B 110 3.63 -16.83 8.10
N TYR B 111 4.91 -16.59 7.81
CA TYR B 111 5.59 -15.33 8.07
C TYR B 111 6.09 -14.71 6.76
N TRP B 112 5.96 -13.38 6.65
CA TRP B 112 6.31 -12.60 5.45
C TRP B 112 7.26 -11.49 5.80
N GLY B 113 8.29 -11.30 4.97
CA GLY B 113 9.09 -10.08 5.04
C GLY B 113 8.26 -8.86 4.74
N GLN B 114 8.76 -7.70 5.15
CA GLN B 114 8.07 -6.45 4.83
C GLN B 114 8.16 -6.07 3.35
N GLY B 115 8.92 -6.79 2.55
CA GLY B 115 8.99 -6.52 1.13
C GLY B 115 10.02 -5.47 0.74
N THR B 116 10.72 -5.70 -0.38
CA THR B 116 11.70 -4.76 -0.93
C THR B 116 11.14 -4.16 -2.22
N SER B 117 10.89 -2.86 -2.19
CA SER B 117 10.33 -2.16 -3.34
C SER B 117 11.47 -1.79 -4.32
N VAL B 118 11.26 -2.06 -5.59
CA VAL B 118 12.32 -1.97 -6.59
C VAL B 118 11.81 -1.08 -7.71
N THR B 119 12.50 0.03 -7.96
CA THR B 119 12.21 0.88 -9.09
C THR B 119 13.31 0.70 -10.12
N VAL B 120 12.92 0.37 -11.35
CA VAL B 120 13.83 0.21 -12.46
C VAL B 120 13.69 1.45 -13.31
N SER B 121 14.76 2.23 -13.42
CA SER B 121 14.65 3.51 -14.10
C SER B 121 16.03 3.97 -14.53
N SER B 122 16.09 4.59 -15.70
CA SER B 122 17.35 5.21 -16.08
C SER B 122 17.55 6.54 -15.37
N ALA B 123 16.49 7.12 -14.81
CA ALA B 123 16.57 8.45 -14.22
C ALA B 123 17.36 8.46 -12.91
N SER B 124 18.06 9.57 -12.69
CA SER B 124 18.87 9.74 -11.49
C SER B 124 17.98 10.03 -10.29
N THR B 125 18.48 9.69 -9.11
CA THR B 125 17.69 9.92 -7.91
C THR B 125 17.67 11.40 -7.55
N LYS B 126 16.51 11.87 -7.08
CA LYS B 126 16.33 13.27 -6.70
C LYS B 126 15.59 13.36 -5.37
N GLY B 127 16.12 14.20 -4.47
CA GLY B 127 15.54 14.41 -3.17
C GLY B 127 14.34 15.34 -3.21
N PRO B 128 13.52 15.31 -2.17
CA PRO B 128 12.31 16.14 -2.17
C PRO B 128 12.52 17.56 -1.68
N SER B 129 11.44 18.33 -1.73
CA SER B 129 11.40 19.71 -1.27
C SER B 129 10.16 19.86 -0.42
N VAL B 130 10.31 20.35 0.81
CA VAL B 130 9.27 20.24 1.83
C VAL B 130 8.75 21.62 2.18
N PHE B 131 7.48 21.88 1.84
CA PHE B 131 6.92 23.20 2.09
C PHE B 131 5.75 23.10 3.06
N PRO B 132 5.50 24.14 3.86
CA PRO B 132 4.47 24.03 4.90
C PRO B 132 3.09 24.52 4.47
N LEU B 133 2.07 23.73 4.80
CA LEU B 133 0.68 24.18 4.74
C LEU B 133 0.28 24.63 6.13
N ALA B 134 0.39 25.93 6.35
CA ALA B 134 0.15 26.56 7.64
C ALA B 134 -1.35 26.71 7.89
N PRO B 135 -1.76 26.59 9.15
CA PRO B 135 -3.17 26.81 9.49
C PRO B 135 -3.52 28.29 9.55
N SER B 136 -4.81 28.58 9.39
CA SER B 136 -5.32 29.94 9.52
C SER B 136 -6.32 30.11 10.64
N SER B 137 -7.35 29.25 10.71
CA SER B 137 -8.40 29.40 11.72
C SER B 137 -8.87 28.04 12.23
N GLY B 142 -14.62 23.71 14.19
CA GLY B 142 -14.94 24.14 15.54
C GLY B 142 -13.85 23.81 16.55
N GLY B 143 -12.94 24.76 16.75
CA GLY B 143 -11.78 24.50 17.59
C GLY B 143 -10.80 23.56 16.90
N THR B 144 -11.09 23.18 15.64
CA THR B 144 -10.33 22.21 14.88
C THR B 144 -9.65 22.90 13.71
N ALA B 145 -8.34 22.77 13.65
CA ALA B 145 -7.52 23.34 12.59
C ALA B 145 -6.72 22.23 11.92
N ALA B 146 -6.15 22.58 10.77
CA ALA B 146 -5.37 21.66 9.97
C ALA B 146 -4.06 22.33 9.53
N LEU B 147 -3.04 21.51 9.44
CA LEU B 147 -1.72 21.95 8.99
C LEU B 147 -1.06 20.73 8.37
N GLY B 148 0.04 20.97 7.66
CA GLY B 148 0.73 19.83 7.07
C GLY B 148 1.96 20.25 6.29
N CYS B 149 2.56 19.24 5.64
CA CYS B 149 3.75 19.39 4.81
C CYS B 149 3.43 19.00 3.39
N LEU B 150 3.81 19.85 2.45
CA LEU B 150 3.83 19.49 1.04
C LEU B 150 5.23 18.96 0.70
N VAL B 151 5.30 17.71 0.29
CA VAL B 151 6.56 17.08 -0.10
C VAL B 151 6.52 16.96 -1.62
N LYS B 152 7.44 17.67 -2.29
CA LYS B 152 7.28 17.96 -3.71
C LYS B 152 8.54 17.62 -4.49
N ASP B 153 8.34 16.99 -5.67
CA ASP B 153 9.36 16.73 -6.69
C ASP B 153 10.49 15.84 -6.18
N TYR B 154 10.13 14.61 -5.82
CA TYR B 154 11.12 13.60 -5.50
C TYR B 154 11.00 12.41 -6.45
N PHE B 155 12.07 11.58 -6.48
CA PHE B 155 12.12 10.35 -7.27
C PHE B 155 13.26 9.47 -6.77
N PRO B 156 13.12 8.13 -6.80
CA PRO B 156 11.87 7.37 -6.93
C PRO B 156 11.06 7.40 -5.66
N GLU B 157 10.01 6.58 -5.61
CA GLU B 157 9.28 6.34 -4.39
C GLU B 157 10.06 5.38 -3.50
N PRO B 158 9.77 5.34 -2.19
CA PRO B 158 8.81 6.16 -1.44
C PRO B 158 9.44 7.15 -0.47
N VAL B 159 8.62 8.09 0.02
CA VAL B 159 8.99 8.99 1.09
C VAL B 159 8.04 8.70 2.27
N THR B 160 8.58 8.71 3.49
CA THR B 160 7.80 8.51 4.71
C THR B 160 7.74 9.79 5.54
N VAL B 161 6.63 10.02 6.22
CA VAL B 161 6.39 11.24 6.98
C VAL B 161 5.85 10.86 8.35
N SER B 162 6.59 11.20 9.40
CA SER B 162 6.10 11.18 10.76
C SER B 162 5.89 12.61 11.26
N TRP B 163 5.21 12.74 12.40
CA TRP B 163 4.99 14.05 13.00
C TRP B 163 5.55 14.03 14.42
N ASN B 164 6.46 14.97 14.69
CA ASN B 164 7.11 15.08 16.00
C ASN B 164 7.79 13.77 16.39
N SER B 165 8.57 13.23 15.45
CA SER B 165 9.30 11.98 15.63
C SER B 165 8.38 10.84 16.04
N GLY B 166 7.19 10.81 15.46
CA GLY B 166 6.23 9.74 15.70
C GLY B 166 5.43 9.88 16.97
N ALA B 167 5.66 10.94 17.76
CA ALA B 167 4.88 11.25 18.94
C ALA B 167 3.55 11.90 18.61
N LEU B 168 3.28 12.14 17.33
CA LEU B 168 1.99 12.65 16.87
C LEU B 168 1.55 11.74 15.72
N THR B 169 0.74 10.75 16.06
CA THR B 169 0.17 9.78 15.13
C THR B 169 -1.31 9.95 14.88
N SER B 170 -2.10 10.21 15.93
CA SER B 170 -3.55 10.35 15.74
C SER B 170 -3.86 11.64 15.02
N GLY B 171 -4.68 11.54 13.97
CA GLY B 171 -5.09 12.67 13.17
C GLY B 171 -4.36 12.78 11.84
N VAL B 172 -3.19 12.16 11.73
CA VAL B 172 -2.37 12.34 10.54
C VAL B 172 -3.02 11.64 9.36
N HIS B 173 -2.71 12.13 8.16
CA HIS B 173 -3.14 11.51 6.91
C HIS B 173 -2.02 11.78 5.92
N THR B 174 -1.23 10.75 5.63
CA THR B 174 -0.18 10.84 4.63
C THR B 174 -0.75 10.28 3.33
N PHE B 175 -1.00 11.17 2.37
CA PHE B 175 -1.66 10.79 1.14
C PHE B 175 -0.77 9.91 0.28
N PRO B 176 -1.35 9.11 -0.59
CA PRO B 176 -0.53 8.41 -1.59
C PRO B 176 0.11 9.44 -2.50
N ALA B 177 1.35 9.17 -2.90
CA ALA B 177 2.02 10.10 -3.81
C ALA B 177 1.29 10.14 -5.14
N VAL B 178 1.29 11.33 -5.75
CA VAL B 178 0.77 11.52 -7.09
C VAL B 178 1.94 11.81 -8.02
N LEU B 179 1.82 11.36 -9.26
CA LEU B 179 2.86 11.54 -10.27
C LEU B 179 2.51 12.75 -11.13
N GLN B 180 3.35 13.78 -11.07
CA GLN B 180 3.11 15.05 -11.76
C GLN B 180 3.60 15.01 -13.20
N SER B 181 3.21 16.02 -13.99
CA SER B 181 3.67 16.06 -15.37
C SER B 181 5.18 16.16 -15.48
N SER B 182 5.84 16.67 -14.44
CA SER B 182 7.29 16.72 -14.40
C SER B 182 7.95 15.34 -14.43
N GLY B 183 7.19 14.26 -14.25
CA GLY B 183 7.78 12.95 -14.08
C GLY B 183 8.25 12.68 -12.67
N LEU B 184 8.13 13.66 -11.78
CA LEU B 184 8.51 13.58 -10.38
C LEU B 184 7.28 13.35 -9.50
N TYR B 185 7.48 12.66 -8.37
CA TYR B 185 6.39 12.39 -7.43
C TYR B 185 6.16 13.56 -6.49
N SER B 186 4.95 13.62 -5.93
CA SER B 186 4.58 14.65 -4.98
C SER B 186 3.46 14.13 -4.08
N LEU B 187 3.53 14.48 -2.80
CA LEU B 187 2.55 14.03 -1.82
C LEU B 187 2.45 15.03 -0.70
N SER B 188 1.38 14.93 0.06
CA SER B 188 1.19 15.80 1.21
C SER B 188 0.78 14.97 2.42
N SER B 189 1.19 15.43 3.60
CA SER B 189 0.73 14.90 4.87
C SER B 189 0.07 16.03 5.65
N VAL B 190 -1.10 15.74 6.22
CA VAL B 190 -1.84 16.71 7.02
C VAL B 190 -2.09 16.08 8.38
N VAL B 191 -2.44 16.93 9.34
CA VAL B 191 -2.92 16.46 10.64
C VAL B 191 -3.86 17.50 11.21
N THR B 192 -4.94 17.00 11.81
CA THR B 192 -5.95 17.82 12.46
C THR B 192 -5.64 17.94 13.95
N VAL B 193 -5.65 19.17 14.44
CA VAL B 193 -5.22 19.49 15.80
C VAL B 193 -6.15 20.54 16.38
N PRO B 194 -6.18 20.64 17.71
CA PRO B 194 -6.97 21.71 18.35
C PRO B 194 -6.41 23.09 18.05
N SER B 195 -7.33 24.04 17.84
CA SER B 195 -6.95 25.42 17.58
C SER B 195 -6.19 26.03 18.75
N SER B 196 -6.54 25.64 19.98
CA SER B 196 -5.87 26.19 21.16
C SER B 196 -4.40 25.80 21.23
N SER B 197 -4.00 24.71 20.59
CA SER B 197 -2.65 24.19 20.74
C SER B 197 -1.67 24.75 19.72
N LEU B 198 -2.11 25.69 18.88
CA LEU B 198 -1.26 26.17 17.79
C LEU B 198 -0.14 27.06 18.31
N GLY B 199 -0.46 27.99 19.20
CA GLY B 199 0.58 28.80 19.79
C GLY B 199 1.41 28.10 20.85
N THR B 200 0.98 26.93 21.30
CA THR B 200 1.64 26.20 22.39
C THR B 200 2.38 24.94 21.94
N GLN B 201 1.81 24.12 21.06
CA GLN B 201 2.46 22.91 20.59
C GLN B 201 3.17 23.16 19.28
N THR B 202 4.45 22.83 19.22
CA THR B 202 5.19 22.88 17.96
C THR B 202 4.88 21.64 17.13
N TYR B 203 4.80 21.84 15.81
CA TYR B 203 4.49 20.77 14.87
C TYR B 203 5.61 20.65 13.87
N ILE B 204 6.20 19.47 13.79
CA ILE B 204 7.34 19.18 12.92
C ILE B 204 7.05 17.90 12.15
N CYS B 205 7.11 17.96 10.84
CA CYS B 205 6.99 16.77 10.02
C CYS B 205 8.38 16.27 9.69
N ASN B 206 8.61 14.97 9.92
CA ASN B 206 9.88 14.32 9.61
C ASN B 206 9.69 13.63 8.27
N VAL B 207 10.15 14.30 7.20
CA VAL B 207 10.12 13.74 5.86
C VAL B 207 11.44 13.03 5.61
N ASN B 208 11.40 12.02 4.75
CA ASN B 208 12.52 11.08 4.71
C ASN B 208 12.62 10.30 3.39
N HIS B 209 13.73 10.49 2.67
CA HIS B 209 13.94 9.89 1.36
C HIS B 209 15.17 9.00 1.41
N LYS B 210 14.97 7.68 1.23
CA LYS B 210 16.04 6.67 1.24
C LYS B 210 16.74 6.46 -0.09
N PRO B 211 16.07 6.54 -1.24
CA PRO B 211 16.80 6.46 -2.52
C PRO B 211 17.85 7.55 -2.73
N SER B 212 17.49 8.81 -2.51
CA SER B 212 18.51 9.80 -2.20
C SER B 212 18.80 9.68 -0.70
N ASN B 213 19.66 10.52 -0.16
CA ASN B 213 19.92 10.43 1.28
C ASN B 213 19.35 11.65 2.02
N THR B 214 18.16 12.09 1.59
CA THR B 214 17.54 13.30 2.08
C THR B 214 16.68 13.01 3.31
N LYS B 215 16.73 13.94 4.26
CA LYS B 215 16.04 13.80 5.55
C LYS B 215 15.79 15.23 6.03
N VAL B 216 14.53 15.65 6.04
CA VAL B 216 14.16 17.05 6.29
C VAL B 216 13.16 17.12 7.43
N ASP B 217 13.37 18.12 8.31
CA ASP B 217 12.52 18.38 9.47
C ASP B 217 11.98 19.80 9.34
N LYS B 218 10.69 19.95 9.02
CA LYS B 218 10.11 21.27 8.79
C LYS B 218 9.16 21.61 9.94
N LYS B 219 9.38 22.76 10.55
CA LYS B 219 8.45 23.29 11.54
C LYS B 219 7.28 23.97 10.83
N VAL B 220 6.08 23.52 11.14
CA VAL B 220 4.86 24.07 10.54
C VAL B 220 4.26 25.01 11.57
N GLU B 221 4.48 26.30 11.37
CA GLU B 221 4.02 27.42 12.17
C GLU B 221 2.88 28.13 11.46
N PRO B 222 1.93 28.72 12.19
CA PRO B 222 0.84 29.45 11.52
C PRO B 222 1.27 30.85 11.12
N LYS B 223 0.90 31.24 9.90
CA LYS B 223 1.40 32.49 9.31
C LYS B 223 0.77 33.74 9.93
N ASP C 1 -1.31 -23.14 -16.34
CA ASP C 1 -1.49 -22.96 -14.90
C ASP C 1 -2.86 -23.31 -14.38
N VAL C 2 -2.99 -23.19 -13.06
CA VAL C 2 -4.27 -23.27 -12.38
C VAL C 2 -4.74 -21.85 -12.12
N VAL C 3 -5.90 -21.50 -12.65
CA VAL C 3 -6.52 -20.19 -12.44
C VAL C 3 -7.48 -20.26 -11.25
N LEU C 4 -7.25 -19.42 -10.25
CA LEU C 4 -8.12 -19.29 -9.10
C LEU C 4 -8.99 -18.06 -9.31
N THR C 5 -10.19 -18.27 -9.82
CA THR C 5 -11.20 -17.23 -9.94
C THR C 5 -11.88 -16.99 -8.58
N GLN C 6 -11.91 -15.73 -8.14
CA GLN C 6 -12.55 -15.34 -6.90
C GLN C 6 -13.81 -14.54 -7.17
N THR C 7 -14.85 -14.76 -6.37
CA THR C 7 -16.13 -14.07 -6.49
C THR C 7 -16.62 -13.74 -5.08
N PRO C 8 -16.99 -12.47 -4.81
CA PRO C 8 -16.94 -11.36 -5.76
C PRO C 8 -15.55 -10.72 -5.77
N LEU C 9 -15.29 -9.79 -6.69
CA LEU C 9 -14.03 -9.05 -6.63
C LEU C 9 -14.12 -7.81 -5.73
N SER C 10 -15.30 -7.19 -5.64
CA SER C 10 -15.55 -6.12 -4.69
C SER C 10 -16.66 -6.55 -3.72
N LEU C 11 -16.39 -6.40 -2.43
CA LEU C 11 -17.32 -6.87 -1.39
C LEU C 11 -17.56 -5.75 -0.39
N PRO C 12 -18.56 -4.89 -0.63
CA PRO C 12 -18.98 -3.90 0.39
C PRO C 12 -19.81 -4.58 1.49
N VAL C 13 -19.32 -4.54 2.72
CA VAL C 13 -19.97 -5.20 3.84
C VAL C 13 -20.19 -4.23 4.99
N ASN C 14 -21.30 -4.41 5.69
CA ASN C 14 -21.59 -3.66 6.89
C ASN C 14 -20.85 -4.25 8.07
N ILE C 15 -20.57 -3.40 9.07
CA ILE C 15 -19.95 -3.90 10.27
C ILE C 15 -20.99 -4.71 11.05
N GLY C 16 -20.62 -5.94 11.42
CA GLY C 16 -21.53 -6.86 12.08
C GLY C 16 -22.10 -7.94 11.18
N ASP C 17 -22.08 -7.73 9.86
CA ASP C 17 -22.69 -8.64 8.91
C ASP C 17 -21.74 -9.78 8.55
N GLN C 18 -22.28 -10.78 7.87
CA GLN C 18 -21.48 -11.87 7.34
C GLN C 18 -21.02 -11.54 5.94
N ALA C 19 -19.89 -12.14 5.55
CA ALA C 19 -19.29 -11.85 4.25
C ALA C 19 -18.61 -13.11 3.73
N SER C 20 -18.91 -13.50 2.50
CA SER C 20 -18.34 -14.70 1.90
C SER C 20 -17.60 -14.39 0.62
N ILE C 21 -16.51 -15.13 0.42
CA ILE C 21 -15.66 -15.03 -0.76
C ILE C 21 -15.47 -16.45 -1.31
N SER C 22 -15.86 -16.64 -2.58
CA SER C 22 -15.74 -17.90 -3.30
C SER C 22 -14.43 -17.95 -4.07
N CYS C 23 -13.88 -19.16 -4.23
CA CYS C 23 -12.62 -19.34 -4.95
C CYS C 23 -12.76 -20.62 -5.75
N LYS C 24 -12.90 -20.49 -7.07
CA LYS C 24 -13.02 -21.64 -7.96
C LYS C 24 -11.69 -21.93 -8.64
N SER C 25 -11.40 -23.21 -8.83
CA SER C 25 -10.14 -23.64 -9.41
C SER C 25 -10.39 -24.32 -10.75
N THR C 26 -9.53 -24.03 -11.74
CA THR C 26 -9.64 -24.71 -13.03
C THR C 26 -9.27 -26.20 -12.93
N LYS C 27 -8.47 -26.59 -11.95
CA LYS C 27 -8.11 -27.98 -11.73
C LYS C 27 -8.47 -28.37 -10.30
N SER C 28 -8.76 -29.65 -10.12
CA SER C 28 -9.02 -30.22 -8.80
C SER C 28 -7.73 -30.29 -7.99
N LEU C 29 -7.76 -29.73 -6.78
CA LEU C 29 -6.57 -29.61 -5.95
C LEU C 29 -6.54 -30.78 -4.96
N LEU C 30 -5.70 -31.77 -5.25
CA LEU C 30 -5.56 -32.95 -4.41
C LEU C 30 -4.32 -33.77 -4.78
N ASN C 31 -3.26 -33.74 -3.96
CA ASN C 31 -2.09 -34.52 -4.31
C ASN C 31 -2.35 -35.99 -3.96
N ARG C 32 -1.35 -36.84 -4.19
CA ARG C 32 -1.57 -38.28 -4.07
C ARG C 32 -1.94 -38.67 -2.65
N ASP C 33 -1.34 -38.02 -1.64
CA ASP C 33 -1.64 -38.29 -0.24
C ASP C 33 -2.98 -37.71 0.21
N GLY C 34 -3.68 -36.95 -0.62
CA GLY C 34 -5.00 -36.46 -0.28
C GLY C 34 -5.07 -35.05 0.26
N PHE C 35 -4.02 -34.24 0.08
CA PHE C 35 -3.95 -32.92 0.70
C PHE C 35 -4.35 -31.85 -0.30
N THR C 36 -5.15 -30.89 0.16
CA THR C 36 -5.56 -29.75 -0.64
C THR C 36 -4.85 -28.52 -0.08
N PHE C 37 -3.84 -28.05 -0.81
CA PHE C 37 -3.02 -26.96 -0.32
C PHE C 37 -3.60 -25.62 -0.74
N LEU C 38 -4.83 -25.38 -0.30
CA LEU C 38 -5.51 -24.11 -0.55
C LEU C 38 -5.42 -23.25 0.70
N ASP C 39 -4.91 -22.02 0.56
CA ASP C 39 -4.77 -21.08 1.67
C ASP C 39 -5.53 -19.79 1.38
N TRP C 40 -5.65 -18.96 2.41
CA TRP C 40 -6.27 -17.65 2.31
C TRP C 40 -5.35 -16.64 2.98
N TYR C 41 -5.08 -15.52 2.28
CA TYR C 41 -4.23 -14.46 2.80
C TYR C 41 -5.03 -13.16 2.83
N LEU C 42 -4.69 -12.32 3.80
CA LEU C 42 -5.25 -10.98 3.87
C LEU C 42 -4.11 -9.98 3.74
N GLN C 43 -4.32 -8.93 2.94
CA GLN C 43 -3.34 -7.85 2.87
C GLN C 43 -4.01 -6.57 3.34
N LYS C 44 -3.60 -6.08 4.48
CA LYS C 44 -4.24 -4.84 4.89
C LYS C 44 -3.48 -3.65 4.30
N PRO C 45 -4.13 -2.48 4.17
CA PRO C 45 -3.48 -1.35 3.46
C PRO C 45 -2.11 -0.99 4.01
N GLY C 46 -1.09 -1.12 3.18
CA GLY C 46 0.25 -0.73 3.58
C GLY C 46 1.01 -1.78 4.36
N GLN C 47 0.68 -3.06 4.17
CA GLN C 47 1.24 -4.13 5.00
C GLN C 47 1.55 -5.34 4.14
N SER C 48 2.44 -6.19 4.64
CA SER C 48 2.66 -7.47 3.98
C SER C 48 1.37 -8.29 4.03
N PRO C 49 1.21 -9.21 3.10
CA PRO C 49 0.18 -10.24 3.26
C PRO C 49 0.40 -11.01 4.55
N GLN C 50 -0.69 -11.56 5.09
CA GLN C 50 -0.62 -12.37 6.31
C GLN C 50 -1.52 -13.57 6.17
N LEU C 51 -1.08 -14.70 6.72
CA LEU C 51 -1.85 -15.92 6.60
C LEU C 51 -3.10 -15.87 7.49
N LEU C 52 -4.21 -16.35 6.94
CA LEU C 52 -5.48 -16.50 7.64
C LEU C 52 -5.84 -17.97 7.85
N ILE C 53 -6.05 -18.70 6.76
CA ILE C 53 -6.47 -20.09 6.74
C ILE C 53 -5.51 -20.87 5.86
N TYR C 54 -5.08 -22.04 6.32
CA TYR C 54 -4.28 -22.93 5.50
C TYR C 54 -4.88 -24.33 5.50
N LEU C 55 -4.55 -25.10 4.46
CA LEU C 55 -5.09 -26.45 4.26
C LEU C 55 -6.62 -26.43 4.25
N VAL C 56 -7.18 -25.43 3.56
CA VAL C 56 -8.62 -25.28 3.35
C VAL C 56 -9.30 -24.70 4.59
N SER C 57 -9.11 -25.34 5.74
CA SER C 57 -9.93 -24.95 6.90
C SER C 57 -9.16 -24.73 8.19
N ASN C 58 -7.87 -25.04 8.26
CA ASN C 58 -7.12 -24.81 9.49
C ASN C 58 -6.82 -23.31 9.64
N ARG C 59 -7.20 -22.76 10.79
CA ARG C 59 -7.03 -21.35 11.08
C ARG C 59 -5.65 -21.10 11.66
N PHE C 60 -4.87 -20.25 10.98
CA PHE C 60 -3.55 -19.88 11.46
C PHE C 60 -3.67 -19.25 12.85
N SER C 61 -2.73 -19.57 13.72
CA SER C 61 -2.78 -19.05 15.07
C SER C 61 -2.78 -17.52 15.06
N GLY C 62 -3.53 -16.94 15.99
CA GLY C 62 -3.72 -15.53 16.10
C GLY C 62 -4.93 -15.01 15.36
N VAL C 63 -5.30 -15.64 14.24
CA VAL C 63 -6.51 -15.27 13.50
C VAL C 63 -7.73 -15.44 14.39
N PRO C 64 -8.62 -14.45 14.51
CA PRO C 64 -9.84 -14.64 15.30
C PRO C 64 -10.71 -15.75 14.71
N ASP C 65 -11.54 -16.34 15.56
CA ASP C 65 -12.35 -17.44 15.04
C ASP C 65 -13.50 -16.99 14.15
N ARG C 66 -13.68 -15.68 13.93
CA ARG C 66 -14.67 -15.20 12.96
C ARG C 66 -14.37 -15.71 11.56
N PHE C 67 -13.13 -16.11 11.29
CA PHE C 67 -12.69 -16.54 9.97
C PHE C 67 -12.72 -18.06 9.87
N SER C 68 -13.41 -18.57 8.85
CA SER C 68 -13.50 -20.00 8.60
C SER C 68 -13.39 -20.24 7.11
N GLY C 69 -12.84 -21.39 6.74
CA GLY C 69 -12.75 -21.74 5.34
C GLY C 69 -13.24 -23.15 5.08
N SER C 70 -14.12 -23.33 4.10
CA SER C 70 -14.63 -24.64 3.75
C SER C 70 -14.28 -24.98 2.31
N GLY C 71 -14.74 -26.16 1.87
CA GLY C 71 -14.67 -26.49 0.45
C GLY C 71 -13.91 -27.75 0.14
N SER C 72 -14.14 -28.28 -1.06
CA SER C 72 -13.48 -29.50 -1.50
C SER C 72 -13.22 -29.44 -2.99
N GLY C 73 -12.06 -29.93 -3.40
CA GLY C 73 -11.86 -30.21 -4.81
C GLY C 73 -11.58 -28.95 -5.60
N THR C 74 -12.61 -28.34 -6.19
CA THR C 74 -12.42 -27.13 -6.96
C THR C 74 -13.17 -25.90 -6.44
N ASP C 75 -14.13 -26.07 -5.52
CA ASP C 75 -14.85 -24.93 -4.93
C ASP C 75 -14.38 -24.72 -3.50
N PHE C 76 -14.08 -23.47 -3.15
CA PHE C 76 -13.65 -23.12 -1.81
C PHE C 76 -14.31 -21.81 -1.39
N THR C 77 -14.40 -21.62 -0.08
CA THR C 77 -15.10 -20.47 0.48
C THR C 77 -14.40 -20.02 1.74
N LEU C 78 -14.39 -18.72 1.94
CA LEU C 78 -13.89 -18.08 3.15
C LEU C 78 -15.05 -17.29 3.73
N LYS C 79 -15.29 -17.44 5.02
CA LYS C 79 -16.39 -16.76 5.68
C LYS C 79 -15.86 -15.93 6.83
N ILE C 80 -16.34 -14.71 6.92
CA ILE C 80 -16.17 -13.85 8.08
C ILE C 80 -17.55 -13.72 8.69
N SER C 81 -17.74 -14.30 9.88
CA SER C 81 -19.08 -14.41 10.45
C SER C 81 -19.57 -13.09 11.00
N ARG C 82 -18.68 -12.28 11.59
CA ARG C 82 -19.07 -10.97 12.11
C ARG C 82 -17.94 -10.01 11.72
N VAL C 83 -18.21 -9.10 10.78
CA VAL C 83 -17.17 -8.25 10.21
C VAL C 83 -16.86 -7.08 11.14
N GLU C 84 -15.58 -6.90 11.45
CA GLU C 84 -15.06 -5.73 12.14
C GLU C 84 -14.51 -4.69 11.15
N ALA C 85 -14.35 -3.47 11.67
CA ALA C 85 -13.80 -2.37 10.89
C ALA C 85 -12.38 -2.69 10.41
N GLU C 86 -11.57 -3.27 11.28
CA GLU C 86 -10.19 -3.60 10.97
C GLU C 86 -10.05 -4.86 10.11
N ASP C 87 -11.09 -5.30 9.41
CA ASP C 87 -10.96 -6.40 8.47
C ASP C 87 -10.89 -5.92 7.03
N LEU C 88 -10.81 -4.61 6.80
CA LEU C 88 -10.71 -4.12 5.43
C LEU C 88 -9.35 -4.44 4.84
N GLY C 89 -9.36 -4.85 3.58
CA GLY C 89 -8.15 -5.31 2.94
C GLY C 89 -8.50 -6.10 1.70
N VAL C 90 -7.47 -6.66 1.09
CA VAL C 90 -7.64 -7.52 -0.08
C VAL C 90 -7.39 -8.95 0.36
N TYR C 91 -8.30 -9.85 -0.03
CA TYR C 91 -8.30 -11.25 0.38
C TYR C 91 -7.92 -12.12 -0.81
N TYR C 92 -6.89 -12.93 -0.65
CA TYR C 92 -6.37 -13.77 -1.71
C TYR C 92 -6.48 -15.23 -1.33
N CYS C 93 -6.94 -16.07 -2.27
CA CYS C 93 -6.73 -17.49 -2.12
C CYS C 93 -5.44 -17.89 -2.83
N PHE C 94 -4.98 -19.11 -2.59
CA PHE C 94 -3.65 -19.50 -3.02
C PHE C 94 -3.58 -21.01 -2.98
N GLN C 95 -3.06 -21.61 -4.04
CA GLN C 95 -2.90 -23.07 -4.13
C GLN C 95 -1.44 -23.43 -4.36
N SER C 96 -1.02 -24.53 -3.73
CA SER C 96 0.32 -25.07 -3.87
C SER C 96 0.32 -26.51 -4.37
N ASN C 97 -0.78 -26.96 -4.98
CA ASN C 97 -0.80 -28.33 -5.48
C ASN C 97 -0.03 -28.42 -6.79
N TYR C 98 -0.34 -27.53 -7.72
CA TYR C 98 0.40 -27.34 -8.96
C TYR C 98 1.30 -26.12 -8.78
N LEU C 99 1.88 -25.62 -9.88
CA LEU C 99 2.71 -24.41 -9.80
C LEU C 99 1.92 -23.27 -9.18
N PHE C 100 2.45 -22.69 -8.09
CA PHE C 100 1.63 -21.93 -7.15
C PHE C 100 1.03 -20.72 -7.83
N THR C 101 -0.22 -20.40 -7.46
CA THR C 101 -0.93 -19.30 -8.10
C THR C 101 -1.90 -18.70 -7.09
N PHE C 102 -2.09 -17.38 -7.21
CA PHE C 102 -3.01 -16.62 -6.40
C PHE C 102 -4.28 -16.34 -7.16
N GLY C 103 -5.35 -16.10 -6.44
CA GLY C 103 -6.51 -15.49 -7.04
C GLY C 103 -6.33 -13.99 -7.20
N SER C 104 -7.22 -13.40 -8.00
CA SER C 104 -7.11 -11.99 -8.35
C SER C 104 -7.17 -11.06 -7.14
N GLY C 105 -7.73 -11.54 -6.02
CA GLY C 105 -7.92 -10.70 -4.85
C GLY C 105 -9.33 -10.12 -4.76
N THR C 106 -9.89 -10.12 -3.55
CA THR C 106 -11.20 -9.55 -3.26
C THR C 106 -11.01 -8.36 -2.34
N LYS C 107 -11.53 -7.21 -2.73
CA LYS C 107 -11.37 -5.98 -1.95
C LYS C 107 -12.59 -5.81 -1.08
N LEU C 108 -12.41 -5.99 0.22
CA LEU C 108 -13.47 -5.85 1.22
C LEU C 108 -13.45 -4.42 1.77
N GLU C 109 -14.55 -3.69 1.58
CA GLU C 109 -14.72 -2.33 2.06
C GLU C 109 -15.83 -2.27 3.10
N ILE C 110 -15.65 -1.42 4.10
CA ILE C 110 -16.64 -1.25 5.15
C ILE C 110 -17.71 -0.26 4.71
N LYS C 111 -18.96 -0.68 4.83
CA LYS C 111 -20.13 0.14 4.55
C LYS C 111 -20.44 0.86 5.86
N ARG C 112 -20.54 2.19 5.83
CA ARG C 112 -20.72 3.00 7.04
C ARG C 112 -21.67 4.15 6.69
N THR C 113 -22.07 4.93 7.69
CA THR C 113 -23.00 6.02 7.43
C THR C 113 -22.31 7.17 6.70
N VAL C 114 -23.09 7.85 5.86
CA VAL C 114 -22.65 9.10 5.24
C VAL C 114 -22.07 10.02 6.30
N ALA C 115 -20.98 10.72 5.93
CA ALA C 115 -20.30 11.70 6.77
C ALA C 115 -19.72 12.78 5.86
N ALA C 116 -20.06 14.04 6.15
CA ALA C 116 -19.65 15.15 5.30
C ALA C 116 -18.23 15.60 5.64
N PRO C 117 -17.43 15.97 4.62
CA PRO C 117 -16.03 16.32 4.88
C PRO C 117 -15.88 17.68 5.54
N SER C 118 -14.84 17.79 6.35
CA SER C 118 -14.27 19.08 6.69
C SER C 118 -13.37 19.51 5.54
N VAL C 119 -13.59 20.72 5.02
CA VAL C 119 -12.84 21.23 3.86
C VAL C 119 -11.94 22.39 4.28
N PHE C 120 -10.66 22.25 3.98
CA PHE C 120 -9.65 23.24 4.31
C PHE C 120 -8.89 23.63 3.05
N ILE C 121 -8.51 24.91 2.93
CA ILE C 121 -7.81 25.38 1.73
C ILE C 121 -6.56 26.12 2.15
N PHE C 122 -5.42 25.74 1.56
CA PHE C 122 -4.09 26.24 1.93
C PHE C 122 -3.44 26.98 0.76
N PRO C 123 -3.19 28.29 0.86
CA PRO C 123 -2.43 29.00 -0.20
C PRO C 123 -1.03 28.42 -0.31
N PRO C 124 -0.26 28.82 -1.33
CA PRO C 124 1.14 28.39 -1.35
C PRO C 124 1.95 29.12 -0.30
N SER C 125 2.94 28.41 0.22
CA SER C 125 3.91 29.02 1.12
C SER C 125 4.77 30.03 0.36
N ASP C 126 5.36 30.97 1.10
CA ASP C 126 6.27 31.92 0.47
C ASP C 126 7.54 31.27 -0.05
N GLU C 127 8.01 30.19 0.60
CA GLU C 127 9.21 29.53 0.08
C GLU C 127 8.94 28.98 -1.31
N GLN C 128 7.71 28.49 -1.54
CA GLN C 128 7.36 27.96 -2.86
C GLN C 128 7.21 29.07 -3.88
N LEU C 129 6.65 30.20 -3.46
CA LEU C 129 6.51 31.33 -4.37
C LEU C 129 7.87 31.90 -4.74
N LYS C 130 8.80 32.02 -3.78
CA LYS C 130 10.14 32.47 -4.11
C LYS C 130 10.89 31.48 -5.01
N SER C 131 10.33 30.30 -5.26
CA SER C 131 10.93 29.29 -6.13
C SER C 131 10.24 29.13 -7.48
N GLY C 132 9.20 29.92 -7.77
CA GLY C 132 8.63 30.00 -9.10
C GLY C 132 7.32 29.26 -9.32
N THR C 133 6.99 28.29 -8.48
CA THR C 133 5.74 27.55 -8.66
C THR C 133 4.81 27.81 -7.49
N ALA C 134 3.51 27.57 -7.73
CA ALA C 134 2.47 27.81 -6.73
C ALA C 134 1.54 26.61 -6.68
N SER C 135 1.56 25.88 -5.56
CA SER C 135 0.64 24.79 -5.28
C SER C 135 -0.43 25.26 -4.30
N VAL C 136 -1.69 25.11 -4.67
CA VAL C 136 -2.82 25.41 -3.79
C VAL C 136 -3.52 24.10 -3.43
N VAL C 137 -3.80 23.89 -2.15
CA VAL C 137 -4.19 22.56 -1.67
C VAL C 137 -5.55 22.64 -0.99
N CYS C 138 -6.48 21.83 -1.48
CA CYS C 138 -7.81 21.72 -0.90
C CYS C 138 -7.91 20.37 -0.18
N LEU C 139 -8.30 20.39 1.09
CA LEU C 139 -8.36 19.21 1.95
C LEU C 139 -9.81 18.86 2.27
N LEU C 140 -10.18 17.60 2.04
CA LEU C 140 -11.45 17.05 2.52
C LEU C 140 -11.12 15.96 3.55
N ASN C 141 -11.53 16.16 4.80
CA ASN C 141 -11.20 15.25 5.88
CA ASN C 141 -11.20 15.24 5.88
C ASN C 141 -12.37 14.37 6.31
N ASN C 142 -12.08 13.08 6.50
CA ASN C 142 -12.94 12.12 7.21
CA ASN C 142 -12.94 12.13 7.22
C ASN C 142 -14.38 12.19 6.71
N PHE C 143 -14.57 11.65 5.51
CA PHE C 143 -15.88 11.64 4.88
C PHE C 143 -16.20 10.26 4.31
N TYR C 144 -17.47 10.09 3.97
CA TYR C 144 -17.99 8.83 3.44
C TYR C 144 -19.27 9.15 2.70
N PRO C 145 -19.52 8.54 1.55
CA PRO C 145 -18.69 7.58 0.81
C PRO C 145 -17.57 8.26 0.00
N ARG C 146 -16.85 7.41 -0.75
CA ARG C 146 -15.59 7.83 -1.35
C ARG C 146 -15.81 8.98 -2.34
N GLU C 147 -16.74 8.82 -3.27
CA GLU C 147 -16.93 9.78 -4.35
C GLU C 147 -17.15 11.18 -3.81
N ALA C 148 -16.32 12.11 -4.30
CA ALA C 148 -16.43 13.53 -3.99
C ALA C 148 -16.09 14.28 -5.26
N LYS C 149 -16.65 15.47 -5.38
CA LYS C 149 -16.41 16.34 -6.52
C LYS C 149 -15.76 17.60 -6.00
N VAL C 150 -14.55 17.90 -6.47
CA VAL C 150 -13.86 19.11 -6.07
C VAL C 150 -13.61 19.94 -7.32
N GLN C 151 -14.08 21.18 -7.30
CA GLN C 151 -13.99 22.07 -8.43
C GLN C 151 -13.19 23.30 -8.01
N TRP C 152 -12.23 23.68 -8.82
CA TRP C 152 -11.45 24.88 -8.58
C TRP C 152 -12.02 26.02 -9.39
N LYS C 153 -12.10 27.19 -8.76
CA LYS C 153 -12.63 28.39 -9.41
C LYS C 153 -11.69 29.52 -9.04
N VAL C 154 -10.86 29.94 -9.98
CA VAL C 154 -9.99 31.11 -9.80
CA VAL C 154 -10.01 31.11 -9.77
C VAL C 154 -10.69 32.32 -10.39
N ASP C 155 -10.84 33.37 -9.59
CA ASP C 155 -11.58 34.58 -10.00
C ASP C 155 -12.93 34.22 -10.59
N ASN C 156 -13.62 33.28 -9.93
CA ASN C 156 -14.91 32.72 -10.31
C ASN C 156 -14.89 32.05 -11.69
N ALA C 157 -13.76 31.52 -12.11
CA ALA C 157 -13.62 30.84 -13.40
C ALA C 157 -13.20 29.40 -13.14
N LEU C 158 -13.98 28.45 -13.64
CA LEU C 158 -13.74 27.04 -13.38
C LEU C 158 -12.44 26.57 -14.03
N GLN C 159 -11.55 25.99 -13.22
CA GLN C 159 -10.31 25.40 -13.69
C GLN C 159 -10.55 23.98 -14.19
N SER C 160 -9.64 23.53 -15.06
CA SER C 160 -9.70 22.17 -15.57
CA SER C 160 -9.72 22.19 -15.63
C SER C 160 -8.33 21.83 -16.16
N GLY C 161 -7.87 20.63 -15.88
CA GLY C 161 -6.60 20.14 -16.37
C GLY C 161 -5.36 20.51 -15.58
N ASN C 162 -5.48 21.36 -14.54
CA ASN C 162 -4.34 21.76 -13.74
C ASN C 162 -4.43 21.34 -12.28
N SER C 163 -5.33 20.43 -11.92
CA SER C 163 -5.42 19.95 -10.56
C SER C 163 -5.18 18.45 -10.52
N GLN C 164 -4.74 17.96 -9.36
CA GLN C 164 -4.55 16.53 -9.08
C GLN C 164 -5.08 16.18 -7.70
N GLU C 165 -5.69 15.02 -7.59
CA GLU C 165 -6.16 14.62 -6.28
C GLU C 165 -5.69 13.22 -5.95
N SER C 166 -5.55 12.97 -4.65
CA SER C 166 -5.32 11.63 -4.15
C SER C 166 -6.17 11.39 -2.90
N VAL C 167 -6.53 10.13 -2.68
CA VAL C 167 -7.43 9.76 -1.61
CA VAL C 167 -7.44 9.74 -1.62
C VAL C 167 -6.78 8.66 -0.77
N THR C 168 -6.77 8.87 0.55
CA THR C 168 -6.25 7.86 1.47
C THR C 168 -7.07 6.56 1.45
N GLU C 169 -6.43 5.48 1.84
CA GLU C 169 -7.16 4.24 2.08
C GLU C 169 -8.19 4.44 3.19
N GLN C 170 -9.24 3.61 3.15
CA GLN C 170 -10.26 3.61 4.20
C GLN C 170 -9.61 3.45 5.57
N ASP C 171 -9.95 4.33 6.49
CA ASP C 171 -9.37 4.22 7.83
C ASP C 171 -9.92 2.98 8.54
N SER C 172 -9.03 2.26 9.22
CA SER C 172 -9.41 1.02 9.88
CA SER C 172 -9.42 1.01 9.88
C SER C 172 -10.25 1.24 11.13
N LYS C 173 -10.38 2.47 11.60
CA LYS C 173 -11.18 2.75 12.78
C LYS C 173 -12.51 3.39 12.41
N ASP C 174 -12.53 4.60 11.82
CA ASP C 174 -13.83 5.20 11.57
C ASP C 174 -14.36 4.90 10.18
N SER C 175 -13.64 4.10 9.39
CA SER C 175 -14.04 3.67 8.05
C SER C 175 -14.26 4.82 7.06
N THR C 176 -13.69 6.02 7.32
CA THR C 176 -13.87 7.16 6.43
C THR C 176 -12.68 7.29 5.47
N TYR C 177 -12.81 8.25 4.56
CA TYR C 177 -11.81 8.61 3.56
C TYR C 177 -11.38 10.05 3.76
N SER C 178 -10.19 10.36 3.24
CA SER C 178 -9.76 11.75 3.12
C SER C 178 -9.17 11.98 1.72
N LEU C 179 -9.34 13.21 1.22
CA LEU C 179 -8.94 13.55 -0.14
C LEU C 179 -8.21 14.90 -0.12
N SER C 180 -7.22 15.03 -0.99
CA SER C 180 -6.49 16.28 -1.19
C SER C 180 -6.47 16.57 -2.68
N SER C 181 -6.91 17.77 -3.04
CA SER C 181 -6.77 18.28 -4.39
C SER C 181 -5.71 19.35 -4.39
N THR C 182 -4.84 19.33 -5.39
CA THR C 182 -3.75 20.29 -5.53
C THR C 182 -3.87 21.00 -6.86
N LEU C 183 -4.12 22.31 -6.81
CA LEU C 183 -4.07 23.18 -7.98
C LEU C 183 -2.64 23.70 -8.14
N THR C 184 -2.04 23.42 -9.29
CA THR C 184 -0.63 23.72 -9.56
C THR C 184 -0.50 24.76 -10.68
N LEU C 185 0.05 25.91 -10.34
CA LEU C 185 0.20 27.03 -11.26
C LEU C 185 1.65 27.51 -11.25
N SER C 186 2.00 28.26 -12.28
CA SER C 186 3.23 29.02 -12.23
C SER C 186 3.05 30.24 -11.34
N LYS C 187 4.16 30.73 -10.79
CA LYS C 187 4.08 31.92 -9.94
C LYS C 187 3.40 33.08 -10.67
N ALA C 188 3.76 33.30 -11.94
CA ALA C 188 3.23 34.43 -12.69
C ALA C 188 1.72 34.37 -12.85
N ASP C 189 1.19 33.17 -13.15
CA ASP C 189 -0.26 33.00 -13.24
C ASP C 189 -0.93 33.20 -11.88
N TYR C 190 -0.34 32.62 -10.83
CA TYR C 190 -0.89 32.76 -9.48
C TYR C 190 -1.12 34.24 -9.14
N GLU C 191 -0.27 35.13 -9.65
CA GLU C 191 -0.33 36.55 -9.31
C GLU C 191 -1.24 37.35 -10.24
N LYS C 192 -1.71 36.78 -11.34
CA LYS C 192 -2.73 37.45 -12.10
C LYS C 192 -4.16 37.17 -11.58
N HIS C 193 -4.31 36.71 -10.32
CA HIS C 193 -5.64 36.40 -9.82
C HIS C 193 -5.74 36.56 -8.30
N LYS C 194 -6.93 36.94 -7.85
CA LYS C 194 -7.19 37.32 -6.46
C LYS C 194 -7.83 36.17 -5.66
N VAL C 195 -9.03 35.76 -6.04
CA VAL C 195 -9.80 34.82 -5.25
C VAL C 195 -9.49 33.39 -5.70
N TYR C 196 -9.09 32.55 -4.77
CA TYR C 196 -8.85 31.14 -5.07
C TYR C 196 -9.81 30.33 -4.24
N ALA C 197 -10.75 29.66 -4.89
CA ALA C 197 -11.74 28.85 -4.20
C ALA C 197 -11.63 27.41 -4.63
N CYS C 198 -11.95 26.49 -3.72
CA CYS C 198 -12.29 25.14 -4.09
C CYS C 198 -13.71 24.85 -3.61
N GLU C 199 -14.47 24.12 -4.42
CA GLU C 199 -15.90 23.91 -4.25
C GLU C 199 -16.19 22.43 -4.16
N VAL C 200 -16.75 22.00 -3.05
CA VAL C 200 -16.89 20.60 -2.70
C VAL C 200 -18.35 20.18 -2.74
N THR C 201 -18.63 19.15 -3.54
CA THR C 201 -19.93 18.50 -3.64
C THR C 201 -19.81 17.08 -3.11
N HIS C 202 -20.78 16.70 -2.27
CA HIS C 202 -20.72 15.42 -1.58
C HIS C 202 -22.12 15.06 -1.07
N GLN C 203 -22.35 13.75 -0.92
CA GLN C 203 -23.67 13.29 -0.48
C GLN C 203 -24.03 13.78 0.91
N GLY C 204 -23.04 14.00 1.78
CA GLY C 204 -23.22 14.54 3.12
C GLY C 204 -23.54 16.02 3.21
N LEU C 205 -23.63 16.70 2.06
CA LEU C 205 -23.80 18.15 1.99
C LEU C 205 -25.07 18.45 1.22
N SER C 206 -25.94 19.26 1.82
CA SER C 206 -27.17 19.60 1.14
C SER C 206 -26.90 20.60 0.03
N SER C 207 -25.96 21.52 0.26
CA SER C 207 -25.46 22.48 -0.69
C SER C 207 -23.96 22.32 -0.85
N PRO C 208 -23.42 22.57 -2.04
CA PRO C 208 -21.96 22.59 -2.20
C PRO C 208 -21.32 23.59 -1.25
N VAL C 209 -20.19 23.19 -0.66
CA VAL C 209 -19.43 24.02 0.27
C VAL C 209 -18.19 24.54 -0.46
N THR C 210 -17.93 25.85 -0.38
CA THR C 210 -16.72 26.39 -0.98
C THR C 210 -15.90 27.08 0.11
N LYS C 211 -14.58 26.87 0.07
CA LYS C 211 -13.63 27.61 0.89
C LYS C 211 -12.71 28.38 -0.05
N SER C 212 -12.33 29.59 0.34
CA SER C 212 -11.51 30.42 -0.54
C SER C 212 -10.62 31.33 0.29
N PHE C 213 -9.75 32.06 -0.41
CA PHE C 213 -8.89 33.09 0.16
C PHE C 213 -8.56 34.08 -0.94
N ASN C 214 -8.03 35.24 -0.53
CA ASN C 214 -7.49 36.23 -1.47
C ASN C 214 -5.97 36.22 -1.39
N ARG C 215 -5.33 36.03 -2.54
CA ARG C 215 -3.88 36.19 -2.65
C ARG C 215 -3.43 37.48 -2.00
N GLY C 216 -2.58 37.37 -0.98
CA GLY C 216 -2.15 38.51 -0.20
C GLY C 216 -3.06 38.88 0.96
N GLU C 217 -4.12 38.12 1.20
CA GLU C 217 -5.10 38.43 2.25
C GLU C 217 -5.65 39.86 2.10
#